data_2FV7
#
_entry.id   2FV7
#
_cell.length_a   45.530
_cell.length_b   72.978
_cell.length_c   90.958
_cell.angle_alpha   90.00
_cell.angle_beta   91.08
_cell.angle_gamma   90.00
#
_symmetry.space_group_name_H-M   'P 1 21 1'
#
loop_
_entity.id
_entity.type
_entity.pdbx_description
1 polymer Ribokinase
2 non-polymer 'SODIUM ION'
3 non-polymer 'MAGNESIUM ION'
4 non-polymer "ADENOSINE-5'-DIPHOSPHATE"
5 non-polymer 'UNKNOWN ATOM OR ION'
6 water water
#
_entity_poly.entity_id   1
_entity_poly.type   'polypeptide(L)'
_entity_poly.pdbx_seq_one_letter_code
;MGSSHHHHHHSSGLVPRGSWQEEVAAVVVVGSCMTDLVSLTSRLPKTGETIHGHKFFIGFGGKGANQCVQAARLGAMTSM
VCKVGKDSFGNDYIENLKQNDISTEFTYQTKDAATGTASIIVNNEGQNIIVIVAGANLLLNTEDLRAAANVISRAKVMVC
QLEITPATSLEALTMARRSGVKTLFNPAPAIADLDPQFYTLSDVFCCNESEAEILTGLTVGSAADAGEAALVLLKRGCQV
VIITLGAEGCVVLSQTEPEPKHIPTEKVKAVDTTGAGDSFVGALAFYLAYYPNLSLEDMLNRSNFIAAVSVQAAGTQSSY
PYKKDLPLTLF
;
_entity_poly.pdbx_strand_id   A,B
#
# COMPACT_ATOMS: atom_id res chain seq x y z
N VAL A 24 6.72 -21.02 -12.34
CA VAL A 24 6.22 -19.85 -11.56
C VAL A 24 7.39 -18.91 -11.14
N ALA A 25 7.27 -17.64 -11.51
CA ALA A 25 8.30 -16.62 -11.25
C ALA A 25 8.30 -16.11 -9.80
N ALA A 26 9.39 -16.30 -9.09
CA ALA A 26 9.54 -15.79 -7.73
C ALA A 26 9.90 -14.28 -7.75
N VAL A 27 10.68 -13.85 -8.74
CA VAL A 27 11.08 -12.46 -8.91
C VAL A 27 10.44 -11.93 -10.19
N VAL A 28 9.62 -10.89 -10.05
CA VAL A 28 8.98 -10.29 -11.18
C VAL A 28 9.46 -8.88 -11.27
N VAL A 29 10.05 -8.52 -12.41
CA VAL A 29 10.57 -7.18 -12.61
C VAL A 29 9.66 -6.44 -13.57
N VAL A 30 9.03 -5.37 -13.08
CA VAL A 30 8.15 -4.53 -13.93
C VAL A 30 8.96 -3.28 -14.27
N GLY A 31 9.42 -3.19 -15.51
CA GLY A 31 10.34 -2.13 -15.84
C GLY A 31 10.84 -2.10 -17.25
N SER A 32 12.00 -1.47 -17.43
CA SER A 32 12.51 -1.06 -18.72
C SER A 32 13.49 -2.03 -19.39
N CYS A 33 13.49 -1.97 -20.71
CA CYS A 33 14.45 -2.66 -21.58
C CYS A 33 14.90 -1.63 -22.58
N MET A 34 16.22 -1.49 -22.78
CA MET A 34 16.69 -0.57 -23.79
C MET A 34 17.88 -1.06 -24.55
N THR A 35 17.87 -0.75 -25.84
CA THR A 35 18.89 -1.16 -26.79
C THR A 35 19.95 -0.05 -26.82
N ASP A 36 21.20 -0.46 -26.59
CA ASP A 36 22.34 0.45 -26.59
C ASP A 36 22.96 0.43 -27.97
N LEU A 37 23.04 1.60 -28.53
CA LEU A 37 23.54 1.80 -29.89
C LEU A 37 24.86 2.54 -29.75
N VAL A 38 25.97 1.80 -29.75
CA VAL A 38 27.28 2.39 -29.42
C VAL A 38 28.21 2.65 -30.61
N SER A 39 28.63 3.91 -30.74
CA SER A 39 29.58 4.35 -31.73
C SER A 39 30.90 4.74 -31.05
N LEU A 40 32.00 4.16 -31.49
CA LEU A 40 33.32 4.55 -30.98
C LEU A 40 34.02 5.46 -31.99
N THR A 41 34.56 6.58 -31.48
CA THR A 41 35.22 7.59 -32.29
C THR A 41 36.57 7.99 -31.67
N SER A 42 37.29 8.88 -32.32
CA SER A 42 38.53 9.42 -31.72
C SER A 42 38.20 10.70 -30.91
N ARG A 43 37.33 11.56 -31.47
CA ARG A 43 36.82 12.73 -30.75
C ARG A 43 35.29 12.83 -30.84
N LEU A 44 34.67 13.53 -29.87
CA LEU A 44 33.25 13.78 -29.89
C LEU A 44 32.89 14.91 -30.86
N PRO A 45 31.70 14.82 -31.48
CA PRO A 45 31.27 15.83 -32.44
C PRO A 45 30.66 17.08 -31.76
N LYS A 46 30.82 18.23 -32.43
CA LYS A 46 30.24 19.49 -31.96
C LYS A 46 29.05 19.84 -32.89
N THR A 47 28.21 20.77 -32.45
CA THR A 47 26.98 21.11 -33.20
C THR A 47 27.22 21.36 -34.69
N GLY A 48 26.48 20.65 -35.53
CA GLY A 48 26.60 20.77 -36.96
C GLY A 48 27.63 19.85 -37.58
N GLU A 49 28.46 19.18 -36.76
CA GLU A 49 29.52 18.28 -37.27
C GLU A 49 29.11 16.81 -37.50
N THR A 50 29.48 16.30 -38.68
CA THR A 50 29.51 14.87 -38.98
C THR A 50 30.95 14.41 -38.77
N ILE A 51 31.16 13.46 -37.85
CA ILE A 51 32.46 12.84 -37.67
C ILE A 51 32.36 11.37 -38.06
N HIS A 52 33.50 10.77 -38.33
CA HIS A 52 33.56 9.34 -38.60
C HIS A 52 34.09 8.58 -37.38
N GLY A 53 33.40 7.51 -37.01
CA GLY A 53 33.81 6.63 -35.94
C GLY A 53 34.45 5.38 -36.50
N HIS A 54 34.91 4.47 -35.65
CA HIS A 54 35.63 3.30 -36.13
C HIS A 54 34.94 1.98 -35.83
N LYS A 55 33.92 2.00 -34.97
CA LYS A 55 33.14 0.81 -34.71
C LYS A 55 31.74 1.14 -34.17
N PHE A 56 30.76 0.36 -34.59
CA PHE A 56 29.46 0.47 -34.08
C PHE A 56 29.05 -0.88 -33.56
N PHE A 57 28.44 -0.90 -32.39
CA PHE A 57 27.88 -2.17 -31.86
C PHE A 57 26.64 -1.97 -31.04
N ILE A 58 25.89 -3.04 -30.89
CA ILE A 58 24.63 -3.00 -30.10
C ILE A 58 24.83 -3.74 -28.76
N GLY A 59 24.25 -3.19 -27.70
CA GLY A 59 24.31 -3.80 -26.37
C GLY A 59 22.91 -3.79 -25.81
N PHE A 60 22.70 -4.57 -24.75
CA PHE A 60 21.39 -4.65 -24.07
C PHE A 60 21.48 -4.00 -22.72
N GLY A 61 20.56 -3.06 -22.50
CA GLY A 61 20.49 -2.28 -21.26
C GLY A 61 19.06 -2.11 -20.76
N GLY A 62 18.86 -1.05 -20.00
CA GLY A 62 17.59 -0.83 -19.30
C GLY A 62 17.76 -1.34 -17.89
N LYS A 63 17.43 -0.51 -16.89
CA LYS A 63 17.58 -0.91 -15.49
C LYS A 63 16.81 -2.20 -15.13
N GLY A 64 15.56 -2.26 -15.57
CA GLY A 64 14.72 -3.43 -15.28
C GLY A 64 15.31 -4.74 -15.78
N ALA A 65 15.63 -4.79 -17.08
CA ALA A 65 16.28 -5.97 -17.68
C ALA A 65 17.61 -6.26 -16.99
N ASN A 66 18.43 -5.24 -16.76
CA ASN A 66 19.72 -5.44 -16.00
C ASN A 66 19.50 -6.17 -14.68
N GLN A 67 18.62 -5.62 -13.88
CA GLN A 67 18.28 -6.22 -12.58
C GLN A 67 17.80 -7.66 -12.74
N CYS A 68 16.91 -7.85 -13.71
CA CYS A 68 16.30 -9.15 -13.97
C CYS A 68 17.32 -10.17 -14.45
N VAL A 69 18.26 -9.74 -15.29
CA VAL A 69 19.34 -10.62 -15.73
C VAL A 69 20.22 -11.06 -14.55
N GLN A 70 20.60 -10.14 -13.67
CA GLN A 70 21.44 -10.54 -12.54
C GLN A 70 20.70 -11.54 -11.62
N ALA A 71 19.42 -11.28 -11.31
CA ALA A 71 18.63 -12.18 -10.47
C ALA A 71 18.52 -13.56 -11.14
N ALA A 72 18.30 -13.55 -12.45
CA ALA A 72 18.23 -14.79 -13.26
C ALA A 72 19.56 -15.61 -13.19
N ARG A 73 20.68 -14.95 -13.39
CA ARG A 73 21.99 -15.60 -13.35
C ARG A 73 22.31 -16.24 -11.98
N LEU A 74 21.76 -15.66 -10.91
CA LEU A 74 21.91 -16.20 -9.57
C LEU A 74 21.03 -17.45 -9.33
N GLY A 75 20.15 -17.76 -10.27
CA GLY A 75 19.33 -18.96 -10.15
C GLY A 75 17.85 -18.70 -9.98
N ALA A 76 17.48 -17.42 -9.91
CA ALA A 76 16.09 -17.07 -9.71
C ALA A 76 15.22 -17.38 -10.91
N MET A 77 14.02 -17.87 -10.64
CA MET A 77 13.03 -18.01 -11.68
C MET A 77 12.45 -16.62 -11.79
N THR A 78 12.66 -15.97 -12.94
CA THR A 78 12.26 -14.56 -13.14
C THR A 78 11.30 -14.33 -14.33
N SER A 79 10.62 -13.18 -14.30
CA SER A 79 9.73 -12.76 -15.37
C SER A 79 9.90 -11.28 -15.51
N MET A 80 9.95 -10.83 -16.76
CA MET A 80 10.18 -9.45 -17.09
C MET A 80 8.91 -8.89 -17.68
N VAL A 81 8.18 -8.07 -16.91
CA VAL A 81 6.98 -7.37 -17.40
C VAL A 81 7.44 -6.06 -18.00
N CYS A 82 7.31 -5.93 -19.32
CA CYS A 82 7.87 -4.77 -20.01
C CYS A 82 7.24 -4.57 -21.42
N LYS A 83 7.55 -3.45 -22.06
CA LYS A 83 7.05 -3.19 -23.40
C LYS A 83 8.19 -2.71 -24.29
N VAL A 84 8.36 -3.41 -25.43
CA VAL A 84 9.35 -3.09 -26.42
C VAL A 84 8.59 -2.83 -27.70
N GLY A 85 9.34 -2.50 -28.74
CA GLY A 85 8.75 -2.25 -30.02
C GLY A 85 8.54 -3.52 -30.83
N LYS A 86 7.52 -3.47 -31.68
CA LYS A 86 7.32 -4.51 -32.65
C LYS A 86 8.32 -4.20 -33.76
N ASP A 87 9.59 -4.35 -33.45
CA ASP A 87 10.67 -4.02 -34.40
C ASP A 87 11.82 -4.97 -34.13
N SER A 88 12.92 -4.85 -34.87
CA SER A 88 14.03 -5.79 -34.71
C SER A 88 14.69 -5.69 -33.34
N PHE A 89 14.77 -4.49 -32.79
CA PHE A 89 15.34 -4.28 -31.46
C PHE A 89 14.55 -5.06 -30.40
N GLY A 90 13.22 -5.11 -30.55
CA GLY A 90 12.33 -5.78 -29.60
C GLY A 90 12.41 -7.28 -29.67
N ASN A 91 12.47 -7.82 -30.89
CA ASN A 91 12.64 -9.25 -31.09
C ASN A 91 14.00 -9.70 -30.57
N ASP A 92 15.03 -8.91 -30.84
CA ASP A 92 16.36 -9.14 -30.24
C ASP A 92 16.31 -9.10 -28.74
N TYR A 93 15.61 -8.13 -28.15
CA TYR A 93 15.55 -8.05 -26.67
C TYR A 93 14.89 -9.28 -26.09
N ILE A 94 13.82 -9.75 -26.72
CA ILE A 94 13.14 -10.96 -26.28
C ILE A 94 14.09 -12.17 -26.28
N GLU A 95 14.93 -12.30 -27.31
CA GLU A 95 15.90 -13.40 -27.39
C GLU A 95 17.06 -13.24 -26.39
N ASN A 96 17.42 -12.00 -26.05
CA ASN A 96 18.44 -11.74 -25.00
C ASN A 96 17.93 -12.24 -23.63
N LEU A 97 16.65 -11.96 -23.36
CA LEU A 97 15.98 -12.40 -22.12
C LEU A 97 15.89 -13.92 -22.05
N LYS A 98 15.43 -14.55 -23.12
CA LYS A 98 15.38 -16.01 -23.23
C LYS A 98 16.73 -16.66 -23.04
N GLN A 99 17.77 -16.09 -23.65
CA GLN A 99 19.16 -16.59 -23.51
C GLN A 99 19.68 -16.42 -22.07
N ASN A 100 18.99 -15.59 -21.26
CA ASN A 100 19.27 -15.42 -19.82
C ASN A 100 18.28 -16.18 -18.90
N ASP A 101 17.55 -17.14 -19.48
CA ASP A 101 16.54 -17.97 -18.81
C ASP A 101 15.47 -17.15 -18.04
N ILE A 102 15.08 -16.03 -18.62
CA ILE A 102 14.04 -15.16 -18.08
C ILE A 102 12.76 -15.43 -18.88
N SER A 103 11.63 -15.51 -18.18
CA SER A 103 10.36 -15.67 -18.84
C SER A 103 10.00 -14.38 -19.58
N THR A 104 9.58 -14.54 -20.84
CA THR A 104 9.20 -13.43 -21.69
C THR A 104 7.71 -13.50 -22.00
N GLU A 105 6.94 -14.05 -21.08
CA GLU A 105 5.51 -14.19 -21.29
C GLU A 105 4.76 -12.88 -21.09
N PHE A 106 5.45 -11.91 -20.46
CA PHE A 106 4.88 -10.59 -20.23
C PHE A 106 5.75 -9.49 -20.77
N THR A 107 6.47 -9.80 -21.85
CA THR A 107 7.21 -8.83 -22.66
C THR A 107 6.30 -8.48 -23.85
N TYR A 108 5.71 -7.30 -23.78
CA TYR A 108 4.78 -6.83 -24.81
C TYR A 108 5.51 -6.09 -25.91
N GLN A 109 4.87 -6.01 -27.07
CA GLN A 109 5.41 -5.26 -28.19
C GLN A 109 4.37 -4.23 -28.65
N THR A 110 4.82 -3.09 -29.16
CA THR A 110 3.93 -2.04 -29.67
C THR A 110 4.41 -1.50 -31.02
N LYS A 111 3.44 -1.22 -31.87
CA LYS A 111 3.65 -0.62 -33.17
C LYS A 111 3.78 0.90 -33.06
N ASP A 112 3.38 1.45 -31.93
CA ASP A 112 3.28 2.89 -31.78
C ASP A 112 4.55 3.60 -31.30
N ALA A 113 5.59 2.85 -30.92
CA ALA A 113 6.85 3.44 -30.59
C ALA A 113 7.98 2.43 -30.80
N ALA A 114 9.18 2.94 -30.99
CA ALA A 114 10.35 2.11 -31.10
C ALA A 114 10.69 1.58 -29.75
N THR A 115 11.32 0.41 -29.74
CA THR A 115 11.96 -0.09 -28.53
C THR A 115 12.82 1.07 -27.92
N GLY A 116 12.82 1.15 -26.57
CA GLY A 116 13.65 2.11 -25.84
C GLY A 116 15.12 1.98 -26.27
N THR A 117 15.77 3.11 -26.47
CA THR A 117 17.17 3.15 -26.95
C THR A 117 18.06 4.08 -26.16
N ALA A 118 19.33 3.73 -26.08
CA ALA A 118 20.33 4.65 -25.59
C ALA A 118 21.33 4.82 -26.72
N SER A 119 21.42 6.02 -27.29
CA SER A 119 22.40 6.27 -28.33
C SER A 119 23.67 6.85 -27.67
N ILE A 120 24.75 6.07 -27.73
CA ILE A 120 25.97 6.38 -27.00
C ILE A 120 27.17 6.62 -27.93
N ILE A 121 27.77 7.79 -27.84
CA ILE A 121 28.97 8.10 -28.58
C ILE A 121 30.12 8.21 -27.56
N VAL A 122 31.20 7.47 -27.81
CA VAL A 122 32.35 7.39 -26.91
C VAL A 122 33.63 7.71 -27.69
N ASN A 123 34.50 8.56 -27.12
CA ASN A 123 35.74 8.94 -27.80
C ASN A 123 36.96 8.20 -27.19
N ASN A 124 38.15 8.39 -27.79
CA ASN A 124 39.42 7.79 -27.30
C ASN A 124 39.68 8.09 -25.85
N GLU A 125 39.48 9.36 -25.47
CA GLU A 125 39.67 9.84 -24.11
C GLU A 125 38.78 9.09 -23.09
N GLY A 126 37.69 8.47 -23.58
CA GLY A 126 36.74 7.74 -22.74
C GLY A 126 35.52 8.60 -22.39
N GLN A 127 35.47 9.83 -22.94
CA GLN A 127 34.35 10.73 -22.72
C GLN A 127 33.17 10.28 -23.56
N ASN A 128 31.95 10.63 -23.14
CA ASN A 128 30.78 10.25 -23.90
C ASN A 128 29.67 11.29 -23.98
N ILE A 129 28.74 11.07 -24.91
CA ILE A 129 27.46 11.77 -24.93
C ILE A 129 26.44 10.64 -25.10
N ILE A 130 25.37 10.66 -24.32
CA ILE A 130 24.33 9.64 -24.36
C ILE A 130 22.98 10.34 -24.55
N VAL A 131 22.14 9.79 -25.42
CA VAL A 131 20.79 10.29 -25.61
C VAL A 131 19.89 9.07 -25.44
N ILE A 132 19.07 9.12 -24.39
CA ILE A 132 18.12 8.06 -24.05
C ILE A 132 16.75 8.44 -24.54
N VAL A 133 16.12 7.54 -25.25
CA VAL A 133 14.75 7.71 -25.68
C VAL A 133 13.97 6.51 -25.08
N ALA A 134 13.11 6.82 -24.11
CA ALA A 134 12.34 5.81 -23.38
C ALA A 134 11.51 4.90 -24.33
N GLY A 135 10.90 5.52 -25.34
CA GLY A 135 10.20 4.80 -26.40
C GLY A 135 9.07 3.93 -25.90
N ALA A 136 9.08 2.67 -26.32
CA ALA A 136 8.05 1.68 -25.98
C ALA A 136 7.88 1.48 -24.47
N ASN A 137 8.95 1.73 -23.71
CA ASN A 137 8.92 1.64 -22.24
C ASN A 137 7.79 2.49 -21.61
N LEU A 138 7.53 3.67 -22.17
CA LEU A 138 6.52 4.55 -21.65
C LEU A 138 5.05 4.14 -22.03
N LEU A 139 4.91 3.16 -22.90
CA LEU A 139 3.59 2.67 -23.36
C LEU A 139 3.11 1.44 -22.54
N LEU A 140 3.97 0.88 -21.67
CA LEU A 140 3.51 -0.16 -20.70
C LEU A 140 2.40 0.50 -19.86
N ASN A 141 1.19 -0.03 -20.01
CA ASN A 141 0.02 0.58 -19.41
C ASN A 141 -0.65 -0.33 -18.38
N THR A 142 -1.65 0.20 -17.70
CA THR A 142 -2.30 -0.54 -16.62
C THR A 142 -3.06 -1.80 -17.15
N GLU A 143 -3.50 -1.78 -18.41
CA GLU A 143 -4.10 -2.97 -19.04
C GLU A 143 -3.07 -4.10 -19.17
N ASP A 144 -1.83 -3.73 -19.50
CA ASP A 144 -0.74 -4.70 -19.58
C ASP A 144 -0.45 -5.28 -18.19
N LEU A 145 -0.52 -4.43 -17.16
CA LEU A 145 -0.32 -4.89 -15.76
C LEU A 145 -1.47 -5.79 -15.32
N ARG A 146 -2.70 -5.40 -15.70
CA ARG A 146 -3.88 -6.21 -15.41
C ARG A 146 -3.74 -7.61 -16.06
N ALA A 147 -3.25 -7.67 -17.30
CA ALA A 147 -3.02 -8.95 -17.94
C ALA A 147 -1.90 -9.73 -17.23
N ALA A 148 -0.96 -9.01 -16.61
CA ALA A 148 0.15 -9.62 -15.83
C ALA A 148 -0.21 -9.86 -14.35
N ALA A 149 -1.46 -9.62 -13.97
CA ALA A 149 -1.86 -9.65 -12.54
C ALA A 149 -1.57 -10.95 -11.81
N ASN A 150 -1.74 -12.09 -12.48
CA ASN A 150 -1.51 -13.40 -11.87
C ASN A 150 -0.02 -13.64 -11.59
N VAL A 151 0.85 -13.20 -12.50
CA VAL A 151 2.29 -13.39 -12.30
C VAL A 151 2.76 -12.43 -11.20
N ILE A 152 2.25 -11.20 -11.21
CA ILE A 152 2.59 -10.24 -10.18
C ILE A 152 2.16 -10.77 -8.81
N SER A 153 0.87 -11.10 -8.64
CA SER A 153 0.35 -11.55 -7.33
C SER A 153 0.92 -12.90 -6.83
N ARG A 154 1.36 -13.78 -7.76
CA ARG A 154 2.01 -15.08 -7.39
C ARG A 154 3.56 -14.98 -7.13
N ALA A 155 4.13 -13.78 -7.31
CA ALA A 155 5.55 -13.54 -7.03
C ALA A 155 5.89 -13.46 -5.51
N LYS A 156 7.19 -13.56 -5.20
CA LYS A 156 7.71 -13.37 -3.85
C LYS A 156 8.23 -11.96 -3.75
N VAL A 157 8.79 -11.43 -4.83
CA VAL A 157 9.20 -10.01 -4.89
C VAL A 157 8.92 -9.39 -6.25
N MET A 158 8.49 -8.13 -6.20
CA MET A 158 8.20 -7.35 -7.36
C MET A 158 9.19 -6.19 -7.35
N VAL A 159 9.95 -6.04 -8.44
CA VAL A 159 10.97 -4.98 -8.58
C VAL A 159 10.51 -3.96 -9.65
N CYS A 160 10.63 -2.66 -9.33
CA CYS A 160 10.34 -1.56 -10.26
C CYS A 160 11.36 -0.48 -10.16
N GLN A 161 11.48 0.32 -11.23
CA GLN A 161 12.38 1.49 -11.27
C GLN A 161 11.61 2.68 -11.82
N LEU A 162 12.31 3.67 -12.39
CA LEU A 162 11.63 4.84 -12.92
C LEU A 162 11.98 5.07 -14.38
N GLU A 163 12.09 3.98 -15.14
CA GLU A 163 12.37 4.10 -16.55
C GLU A 163 11.15 3.76 -17.45
N ILE A 164 10.01 3.49 -16.82
CA ILE A 164 8.75 3.38 -17.51
C ILE A 164 7.88 4.57 -16.99
N THR A 165 6.62 4.65 -17.40
CA THR A 165 5.74 5.70 -16.90
C THR A 165 5.57 5.53 -15.39
N PRO A 166 5.91 6.57 -14.59
CA PRO A 166 5.80 6.44 -13.14
C PRO A 166 4.43 5.95 -12.65
N ALA A 167 3.34 6.36 -13.30
CA ALA A 167 1.99 5.87 -12.94
C ALA A 167 1.90 4.33 -13.05
N THR A 168 2.58 3.77 -14.06
CA THR A 168 2.63 2.31 -14.27
C THR A 168 3.41 1.59 -13.16
N SER A 169 4.53 2.18 -12.72
CA SER A 169 5.31 1.65 -11.64
C SER A 169 4.54 1.72 -10.34
N LEU A 170 3.82 2.84 -10.12
CA LEU A 170 3.01 3.03 -8.91
C LEU A 170 1.85 2.00 -8.86
N GLU A 171 1.23 1.74 -10.01
CA GLU A 171 0.14 0.75 -10.09
C GLU A 171 0.66 -0.68 -9.89
N ALA A 172 1.86 -0.96 -10.37
CA ALA A 172 2.49 -2.26 -10.14
C ALA A 172 2.80 -2.45 -8.63
N LEU A 173 3.41 -1.45 -7.99
CA LEU A 173 3.65 -1.49 -6.56
C LEU A 173 2.33 -1.70 -5.74
N THR A 174 1.24 -1.10 -6.24
CA THR A 174 -0.05 -1.15 -5.60
C THR A 174 -0.61 -2.54 -5.67
N MET A 175 -0.48 -3.21 -6.83
CA MET A 175 -0.94 -4.59 -7.03
C MET A 175 -0.20 -5.58 -6.14
N ALA A 176 1.13 -5.47 -6.16
CA ALA A 176 2.00 -6.31 -5.34
C ALA A 176 1.65 -6.15 -3.87
N ARG A 177 1.59 -4.91 -3.40
CA ARG A 177 1.30 -4.62 -2.00
C ARG A 177 -0.05 -5.19 -1.54
N ARG A 178 -1.08 -5.02 -2.35
CA ARG A 178 -2.42 -5.60 -2.11
C ARG A 178 -2.40 -7.14 -2.05
N SER A 179 -1.50 -7.78 -2.80
CA SER A 179 -1.41 -9.23 -2.80
C SER A 179 -0.39 -9.78 -1.81
N GLY A 180 0.18 -8.91 -0.95
CA GLY A 180 1.17 -9.32 0.04
C GLY A 180 2.55 -9.66 -0.55
N VAL A 181 2.81 -9.16 -1.76
CA VAL A 181 4.06 -9.40 -2.46
C VAL A 181 5.10 -8.31 -2.08
N LYS A 182 6.32 -8.73 -1.76
CA LYS A 182 7.39 -7.78 -1.35
C LYS A 182 7.77 -6.82 -2.47
N THR A 183 7.75 -5.54 -2.17
CA THR A 183 8.06 -4.55 -3.17
C THR A 183 9.47 -4.02 -2.95
N LEU A 184 10.25 -4.07 -4.03
CA LEU A 184 11.62 -3.54 -4.06
C LEU A 184 11.59 -2.40 -5.09
N PHE A 185 11.64 -1.15 -4.63
CA PHE A 185 11.59 -0.01 -5.53
C PHE A 185 12.94 0.69 -5.67
N ASN A 186 13.38 0.89 -6.91
CA ASN A 186 14.64 1.57 -7.23
C ASN A 186 14.32 2.88 -7.97
N PRO A 187 14.21 4.00 -7.27
CA PRO A 187 13.84 5.22 -7.93
C PRO A 187 14.95 5.80 -8.80
N ALA A 188 15.21 5.14 -9.92
CA ALA A 188 16.30 5.47 -10.81
C ALA A 188 15.79 5.48 -12.24
N PRO A 189 16.10 6.54 -12.99
CA PRO A 189 16.76 7.78 -12.53
C PRO A 189 15.84 8.56 -11.58
N ALA A 190 16.42 9.25 -10.61
CA ALA A 190 15.64 9.93 -9.56
C ALA A 190 14.84 11.11 -10.09
N ILE A 191 13.72 11.38 -9.42
CA ILE A 191 12.84 12.51 -9.73
C ILE A 191 12.57 13.27 -8.44
N ALA A 192 12.81 14.59 -8.47
CA ALA A 192 12.71 15.45 -7.28
C ALA A 192 11.36 15.37 -6.53
N ASP A 193 10.25 15.52 -7.26
CA ASP A 193 8.90 15.55 -6.63
C ASP A 193 8.17 14.21 -6.81
N LEU A 194 8.86 13.15 -6.41
CA LEU A 194 8.34 11.80 -6.44
C LEU A 194 7.04 11.74 -5.62
N ASP A 195 6.00 11.15 -6.20
CA ASP A 195 4.70 11.04 -5.54
C ASP A 195 4.92 10.33 -4.20
N PRO A 196 4.44 10.93 -3.10
CA PRO A 196 4.49 10.34 -1.74
C PRO A 196 4.11 8.85 -1.59
N GLN A 197 3.23 8.34 -2.45
CA GLN A 197 2.84 6.93 -2.38
C GLN A 197 3.97 5.99 -2.78
N PHE A 198 4.95 6.49 -3.52
CA PHE A 198 6.09 5.66 -3.86
C PHE A 198 6.81 5.19 -2.60
N TYR A 199 6.84 6.02 -1.56
CA TYR A 199 7.49 5.64 -0.32
C TYR A 199 6.65 4.69 0.50
N THR A 200 5.40 5.05 0.76
CA THR A 200 4.52 4.23 1.60
C THR A 200 4.23 2.83 0.97
N LEU A 201 4.36 2.71 -0.35
CA LEU A 201 4.16 1.41 -1.02
C LEU A 201 5.47 0.63 -1.20
N SER A 202 6.58 1.14 -0.65
CA SER A 202 7.90 0.47 -0.82
C SER A 202 8.31 -0.27 0.46
N ASP A 203 8.48 -1.60 0.34
CA ASP A 203 9.00 -2.46 1.43
C ASP A 203 10.54 -2.33 1.54
N VAL A 204 11.22 -2.33 0.38
CA VAL A 204 12.66 -2.02 0.29
C VAL A 204 12.80 -0.90 -0.75
N PHE A 205 13.30 0.25 -0.31
CA PHE A 205 13.51 1.42 -1.16
C PHE A 205 15.04 1.62 -1.31
N CYS A 206 15.55 1.29 -2.51
CA CYS A 206 16.98 1.24 -2.80
C CYS A 206 17.44 2.23 -3.87
N CYS A 207 18.43 3.06 -3.55
CA CYS A 207 18.99 4.01 -4.49
C CYS A 207 20.44 4.26 -4.19
N ASN A 208 21.10 5.02 -5.07
CA ASN A 208 22.51 5.40 -4.88
C ASN A 208 22.65 6.81 -4.28
N GLU A 209 23.89 7.26 -4.15
CA GLU A 209 24.21 8.59 -3.61
C GLU A 209 23.52 9.75 -4.31
N SER A 210 23.67 9.81 -5.63
CA SER A 210 23.17 10.97 -6.37
C SER A 210 21.65 10.96 -6.46
N GLU A 211 21.05 9.76 -6.46
CA GLU A 211 19.58 9.59 -6.36
C GLU A 211 19.11 10.05 -4.99
N ALA A 212 19.83 9.67 -3.93
CA ALA A 212 19.46 10.12 -2.58
C ALA A 212 19.56 11.64 -2.45
N GLU A 213 20.56 12.29 -3.11
CA GLU A 213 20.70 13.75 -3.08
C GLU A 213 19.50 14.48 -3.78
N ILE A 214 19.03 13.89 -4.86
CA ILE A 214 17.89 14.40 -5.65
C ILE A 214 16.60 14.26 -4.86
N LEU A 215 16.44 13.14 -4.18
CA LEU A 215 15.22 12.86 -3.42
C LEU A 215 15.14 13.53 -2.06
N THR A 216 16.26 13.97 -1.52
CA THR A 216 16.27 14.54 -0.18
C THR A 216 16.80 15.95 -0.13
N GLY A 217 17.51 16.37 -1.17
CA GLY A 217 18.12 17.69 -1.17
C GLY A 217 19.28 17.78 -0.20
N LEU A 218 19.82 16.65 0.27
CA LEU A 218 21.01 16.65 1.14
C LEU A 218 22.25 16.23 0.31
N THR A 219 23.45 16.61 0.76
CA THR A 219 24.67 16.07 0.16
C THR A 219 24.80 14.64 0.67
N VAL A 220 25.08 13.72 -0.23
CA VAL A 220 25.28 12.32 0.12
C VAL A 220 26.57 11.93 -0.57
N GLY A 221 27.65 11.99 0.21
CA GLY A 221 28.99 11.69 -0.26
C GLY A 221 29.56 10.53 0.49
N SER A 222 29.23 10.43 1.79
CA SER A 222 29.78 9.43 2.68
C SER A 222 28.68 8.64 3.38
N ALA A 223 29.09 7.62 4.14
CA ALA A 223 28.17 6.75 4.88
C ALA A 223 27.43 7.55 5.95
N ALA A 224 28.11 8.54 6.53
CA ALA A 224 27.48 9.44 7.49
C ALA A 224 26.30 10.21 6.80
N ASP A 225 26.59 10.81 5.64
CA ASP A 225 25.58 11.57 4.89
C ASP A 225 24.41 10.67 4.53
N ALA A 226 24.71 9.47 4.02
CA ALA A 226 23.69 8.48 3.59
C ALA A 226 22.79 8.10 4.74
N GLY A 227 23.34 8.13 5.97
CA GLY A 227 22.62 7.84 7.19
C GLY A 227 21.53 8.86 7.45
N GLU A 228 21.89 10.15 7.36
CA GLU A 228 20.89 11.23 7.44
C GLU A 228 19.85 11.12 6.32
N ALA A 229 20.32 10.85 5.11
CA ALA A 229 19.42 10.83 3.93
C ALA A 229 18.44 9.67 3.98
N ALA A 230 18.95 8.49 4.37
CA ALA A 230 18.14 7.31 4.52
C ALA A 230 17.09 7.51 5.58
N LEU A 231 17.41 8.33 6.59
CA LEU A 231 16.43 8.67 7.65
C LEU A 231 15.27 9.54 7.14
N VAL A 232 15.59 10.56 6.33
CA VAL A 232 14.56 11.37 5.69
C VAL A 232 13.60 10.48 4.86
N LEU A 233 14.14 9.47 4.19
CA LEU A 233 13.36 8.59 3.31
C LEU A 233 12.49 7.63 4.12
N LEU A 234 13.04 7.12 5.22
CA LEU A 234 12.33 6.20 6.09
C LEU A 234 11.09 6.89 6.71
N LYS A 235 11.23 8.17 7.07
CA LYS A 235 10.12 8.98 7.63
C LYS A 235 9.04 9.33 6.58
N ARG A 236 9.33 9.09 5.30
CA ARG A 236 8.35 9.32 4.22
C ARG A 236 7.38 8.13 4.06
N GLY A 237 7.71 6.98 4.67
CA GLY A 237 6.86 5.80 4.66
C GLY A 237 7.52 4.45 4.34
N CYS A 238 8.78 4.47 3.89
CA CYS A 238 9.53 3.22 3.56
C CYS A 238 9.73 2.32 4.76
N GLN A 239 9.69 1.03 4.51
CA GLN A 239 9.92 0.06 5.56
C GLN A 239 11.41 -0.16 5.77
N VAL A 240 12.14 -0.21 4.64
CA VAL A 240 13.60 -0.37 4.60
C VAL A 240 14.16 0.55 3.52
N VAL A 241 15.19 1.30 3.86
CA VAL A 241 15.89 2.16 2.93
C VAL A 241 17.31 1.66 2.87
N ILE A 242 17.81 1.53 1.64
CA ILE A 242 19.21 1.17 1.36
C ILE A 242 19.76 2.23 0.43
N ILE A 243 20.91 2.81 0.76
CA ILE A 243 21.58 3.74 -0.16
C ILE A 243 22.90 3.11 -0.48
N THR A 244 23.14 2.89 -1.76
CA THR A 244 24.39 2.30 -2.20
C THR A 244 25.45 3.40 -2.33
N LEU A 245 26.69 3.03 -2.03
CA LEU A 245 27.77 4.00 -1.89
C LEU A 245 29.04 3.63 -2.70
N GLY A 246 28.85 2.98 -3.86
CA GLY A 246 29.97 2.60 -4.71
C GLY A 246 30.94 1.72 -3.94
N ALA A 247 32.22 2.10 -3.94
CA ALA A 247 33.30 1.36 -3.21
C ALA A 247 33.13 1.32 -1.70
N GLU A 248 32.29 2.21 -1.17
CA GLU A 248 32.01 2.22 0.29
C GLU A 248 30.84 1.27 0.66
N GLY A 249 30.32 0.53 -0.32
CA GLY A 249 29.26 -0.45 -0.06
C GLY A 249 27.90 0.17 0.09
N CYS A 250 27.25 -0.02 1.23
CA CYS A 250 25.91 0.55 1.41
C CYS A 250 25.57 0.84 2.83
N VAL A 251 24.51 1.62 3.01
CA VAL A 251 23.94 1.96 4.33
C VAL A 251 22.47 1.50 4.37
N VAL A 252 22.04 0.88 5.47
CA VAL A 252 20.65 0.38 5.63
C VAL A 252 19.99 0.85 6.95
N LEU A 253 18.71 1.22 6.85
CA LEU A 253 17.83 1.61 8.00
C LEU A 253 16.53 0.86 7.81
N SER A 254 15.69 0.88 8.82
CA SER A 254 14.37 0.25 8.72
C SER A 254 13.47 0.77 9.79
N GLN A 255 12.19 0.53 9.63
CA GLN A 255 11.21 0.95 10.64
C GLN A 255 11.51 0.27 12.00
N THR A 256 11.75 -1.05 11.97
CA THR A 256 12.02 -1.81 13.19
C THR A 256 13.48 -1.62 13.67
N GLU A 257 14.33 -1.01 12.84
CA GLU A 257 15.70 -0.61 13.26
C GLU A 257 16.08 0.74 12.64
N PRO A 258 15.50 1.85 13.16
CA PRO A 258 15.74 3.18 12.60
C PRO A 258 17.20 3.69 12.61
N GLU A 259 18.11 2.89 13.12
CA GLU A 259 19.50 3.28 13.25
C GLU A 259 20.26 2.82 12.02
N PRO A 260 20.94 3.76 11.30
CA PRO A 260 21.69 3.42 10.09
C PRO A 260 22.81 2.45 10.35
N LYS A 261 22.95 1.44 9.50
CA LYS A 261 24.06 0.50 9.57
C LYS A 261 24.84 0.53 8.27
N HIS A 262 26.17 0.51 8.39
CA HIS A 262 27.07 0.54 7.23
C HIS A 262 27.64 -0.87 6.87
N ILE A 263 27.32 -1.36 5.66
CA ILE A 263 27.84 -2.62 5.11
C ILE A 263 28.95 -2.35 4.05
N PRO A 264 30.23 -2.55 4.42
CA PRO A 264 31.28 -2.28 3.43
C PRO A 264 31.31 -3.34 2.34
N THR A 265 31.95 -3.03 1.24
CA THR A 265 32.06 -3.96 0.13
C THR A 265 33.51 -4.43 -0.01
N GLU A 266 33.77 -5.17 -1.06
CA GLU A 266 35.12 -5.59 -1.36
C GLU A 266 35.94 -4.41 -1.92
N LYS A 267 37.20 -4.26 -1.48
CA LYS A 267 38.14 -3.35 -2.14
C LYS A 267 38.59 -4.14 -3.37
N VAL A 268 38.28 -3.65 -4.56
CA VAL A 268 38.59 -4.37 -5.78
C VAL A 268 39.06 -3.37 -6.85
N LYS A 269 39.78 -3.86 -7.85
CA LYS A 269 40.19 -3.00 -8.96
C LYS A 269 39.07 -3.00 -9.99
N ALA A 270 38.30 -1.90 -9.98
CA ALA A 270 37.20 -1.72 -10.89
C ALA A 270 37.70 -1.53 -12.30
N VAL A 271 37.02 -2.16 -13.26
CA VAL A 271 37.31 -2.02 -14.67
C VAL A 271 36.18 -1.21 -15.33
N ASP A 272 34.94 -1.40 -14.85
CA ASP A 272 33.76 -0.68 -15.34
C ASP A 272 32.63 -0.87 -14.33
N THR A 273 32.22 0.21 -13.66
CA THR A 273 31.18 0.16 -12.64
C THR A 273 29.78 0.38 -13.21
N THR A 274 29.66 0.55 -14.52
CA THR A 274 28.36 0.82 -15.12
C THR A 274 27.42 -0.35 -14.86
N GLY A 275 26.25 -0.03 -14.33
CA GLY A 275 25.23 -1.03 -14.01
C GLY A 275 25.50 -1.85 -12.78
N ALA A 276 26.40 -1.38 -11.91
CA ALA A 276 26.70 -2.08 -10.69
C ALA A 276 25.51 -1.99 -9.76
N GLY A 277 24.81 -0.86 -9.78
CA GLY A 277 23.60 -0.70 -9.00
C GLY A 277 22.54 -1.74 -9.33
N ASP A 278 22.38 -2.04 -10.62
CA ASP A 278 21.39 -3.01 -11.10
C ASP A 278 21.80 -4.43 -10.71
N SER A 279 23.11 -4.69 -10.67
CA SER A 279 23.61 -5.97 -10.22
C SER A 279 23.25 -6.15 -8.74
N PHE A 280 23.53 -5.11 -7.97
CA PHE A 280 23.21 -5.09 -6.55
C PHE A 280 21.71 -5.35 -6.30
N VAL A 281 20.85 -4.71 -7.09
CA VAL A 281 19.42 -4.80 -6.91
C VAL A 281 18.90 -6.16 -7.33
N GLY A 282 19.39 -6.68 -8.44
CA GLY A 282 18.99 -8.00 -8.87
C GLY A 282 19.40 -9.06 -7.86
N ALA A 283 20.60 -8.90 -7.29
CA ALA A 283 21.07 -9.80 -6.25
C ALA A 283 20.18 -9.72 -5.01
N LEU A 284 19.85 -8.49 -4.56
CA LEU A 284 18.97 -8.26 -3.43
C LEU A 284 17.58 -8.87 -3.64
N ALA A 285 17.04 -8.77 -4.85
CA ALA A 285 15.76 -9.40 -5.18
C ALA A 285 15.85 -10.93 -5.05
N PHE A 286 16.92 -11.50 -5.58
CA PHE A 286 17.19 -12.92 -5.44
C PHE A 286 17.20 -13.37 -3.95
N TYR A 287 17.93 -12.65 -3.10
CA TYR A 287 17.98 -13.00 -1.67
C TYR A 287 16.63 -12.73 -0.94
N LEU A 288 15.90 -11.68 -1.34
CA LEU A 288 14.58 -11.41 -0.75
C LEU A 288 13.57 -12.53 -1.03
N ALA A 289 13.64 -13.06 -2.24
CA ALA A 289 12.75 -14.11 -2.73
C ALA A 289 13.15 -15.52 -2.28
N TYR A 290 14.45 -15.87 -2.35
CA TYR A 290 14.88 -17.26 -2.06
C TYR A 290 15.46 -17.52 -0.65
N TYR A 291 15.84 -16.45 0.06
CA TYR A 291 16.44 -16.54 1.41
C TYR A 291 15.78 -15.50 2.32
N PRO A 292 14.45 -15.60 2.55
CA PRO A 292 13.74 -14.51 3.29
C PRO A 292 13.97 -14.46 4.80
N ASN A 293 14.48 -15.55 5.41
CA ASN A 293 14.75 -15.52 6.82
C ASN A 293 16.18 -14.99 7.14
N LEU A 294 17.03 -14.78 6.10
CA LEU A 294 18.39 -14.14 6.32
C LEU A 294 18.20 -12.73 6.81
N SER A 295 19.19 -12.23 7.55
CA SER A 295 19.11 -10.87 8.04
C SER A 295 19.41 -10.00 6.87
N LEU A 296 18.91 -8.77 6.94
CA LEU A 296 19.07 -7.80 5.88
C LEU A 296 20.56 -7.51 5.66
N GLU A 297 21.32 -7.47 6.75
CA GLU A 297 22.76 -7.24 6.69
C GLU A 297 23.46 -8.35 5.92
N ASP A 298 23.05 -9.59 6.18
CA ASP A 298 23.64 -10.73 5.52
C ASP A 298 23.38 -10.66 4.02
N MET A 299 22.14 -10.31 3.64
CA MET A 299 21.75 -10.18 2.23
C MET A 299 22.55 -9.10 1.51
N LEU A 300 22.75 -7.96 2.18
CA LEU A 300 23.44 -6.81 1.57
C LEU A 300 24.93 -7.05 1.43
N ASN A 301 25.49 -7.84 2.33
CA ASN A 301 26.90 -8.20 2.26
C ASN A 301 27.13 -9.15 1.07
N ARG A 302 26.16 -10.02 0.81
CA ARG A 302 26.22 -10.94 -0.35
C ARG A 302 26.00 -10.17 -1.65
N SER A 303 25.02 -9.25 -1.63
CA SER A 303 24.70 -8.38 -2.77
C SER A 303 25.87 -7.43 -3.10
N ASN A 304 26.51 -6.85 -2.07
CA ASN A 304 27.78 -6.10 -2.22
C ASN A 304 28.80 -6.97 -2.97
N PHE A 305 29.00 -8.20 -2.50
CA PHE A 305 29.98 -9.08 -3.12
C PHE A 305 29.68 -9.29 -4.58
N ILE A 306 28.41 -9.57 -4.90
CA ILE A 306 27.98 -9.81 -6.28
C ILE A 306 28.17 -8.56 -7.18
N ALA A 307 27.75 -7.40 -6.69
CA ALA A 307 27.90 -6.13 -7.44
C ALA A 307 29.39 -5.83 -7.64
N ALA A 308 30.20 -6.14 -6.61
CA ALA A 308 31.69 -6.01 -6.64
C ALA A 308 32.37 -6.89 -7.72
N VAL A 309 31.87 -8.11 -7.93
CA VAL A 309 32.35 -8.96 -9.02
C VAL A 309 32.05 -8.29 -10.37
N SER A 310 30.83 -7.73 -10.52
CA SER A 310 30.41 -7.10 -11.78
C SER A 310 31.31 -5.93 -12.14
N VAL A 311 31.70 -5.16 -11.14
CA VAL A 311 32.58 -4.03 -11.30
C VAL A 311 33.97 -4.41 -11.92
N GLN A 312 34.36 -5.68 -11.81
CA GLN A 312 35.68 -6.15 -12.29
C GLN A 312 35.70 -6.54 -13.79
N ALA A 313 34.60 -6.33 -14.49
CA ALA A 313 34.59 -6.56 -15.94
C ALA A 313 33.76 -5.48 -16.61
N ALA A 314 33.92 -5.35 -17.91
CA ALA A 314 33.17 -4.38 -18.67
C ALA A 314 31.95 -5.05 -19.30
N GLY A 315 30.99 -4.22 -19.69
CA GLY A 315 29.87 -4.69 -20.48
C GLY A 315 28.49 -4.69 -19.85
N THR A 316 28.36 -4.13 -18.65
CA THR A 316 27.06 -4.05 -17.94
C THR A 316 26.49 -5.47 -17.74
N GLN A 317 25.42 -5.86 -18.46
CA GLN A 317 24.86 -7.23 -18.36
C GLN A 317 25.93 -8.27 -18.61
N SER A 318 26.87 -7.94 -19.49
CA SER A 318 27.97 -8.85 -19.78
C SER A 318 28.78 -9.15 -18.52
N SER A 319 28.89 -8.20 -17.59
CA SER A 319 29.72 -8.40 -16.39
C SER A 319 29.03 -9.15 -15.25
N TYR A 320 27.72 -9.39 -15.38
CA TYR A 320 26.98 -10.00 -14.27
C TYR A 320 27.32 -11.49 -14.15
N PRO A 321 27.84 -11.89 -12.96
CA PRO A 321 28.24 -13.27 -12.76
C PRO A 321 27.09 -14.25 -12.51
N TYR A 322 27.37 -15.52 -12.81
CA TYR A 322 26.45 -16.65 -12.60
C TYR A 322 26.70 -17.33 -11.23
N LYS A 323 25.67 -18.01 -10.73
CA LYS A 323 25.79 -18.82 -9.51
C LYS A 323 27.03 -19.77 -9.66
N LYS A 324 27.18 -20.34 -10.87
CA LYS A 324 28.34 -21.20 -11.27
C LYS A 324 29.69 -20.67 -10.86
N ASP A 325 29.91 -19.39 -11.13
CA ASP A 325 31.23 -18.76 -11.01
C ASP A 325 31.39 -18.02 -9.67
N LEU A 326 30.54 -18.30 -8.68
CA LEU A 326 30.58 -17.56 -7.41
C LEU A 326 30.92 -18.50 -6.24
N PRO A 327 31.36 -17.94 -5.09
CA PRO A 327 31.63 -18.77 -3.89
C PRO A 327 30.39 -19.43 -3.30
N LEU A 328 30.46 -20.75 -3.09
CA LEU A 328 29.35 -21.56 -2.53
C LEU A 328 28.78 -21.04 -1.21
N THR A 329 29.58 -20.26 -0.50
CA THR A 329 29.19 -19.66 0.77
C THR A 329 28.15 -18.51 0.61
N LEU A 330 28.03 -17.97 -0.63
CA LEU A 330 27.00 -16.93 -0.94
C LEU A 330 25.59 -17.53 -1.04
N PHE A 331 25.53 -18.87 -1.11
CA PHE A 331 24.29 -19.61 -1.23
C PHE A 331 24.21 -20.62 -0.08
N VAL B 24 -10.03 7.06 32.18
CA VAL B 24 -11.42 7.12 31.63
C VAL B 24 -11.45 7.08 30.09
N ALA B 25 -12.26 6.18 29.55
CA ALA B 25 -12.51 6.12 28.10
C ALA B 25 -13.36 7.31 27.67
N ALA B 26 -12.81 8.14 26.78
CA ALA B 26 -13.53 9.28 26.20
C ALA B 26 -14.48 8.76 25.11
N VAL B 27 -14.04 7.71 24.38
CA VAL B 27 -14.83 7.12 23.28
C VAL B 27 -15.14 5.66 23.59
N VAL B 28 -16.40 5.33 23.68
CA VAL B 28 -16.80 3.98 23.95
C VAL B 28 -17.47 3.48 22.71
N VAL B 29 -16.96 2.38 22.15
CA VAL B 29 -17.62 1.76 20.98
C VAL B 29 -18.33 0.48 21.39
N VAL B 30 -19.62 0.39 21.11
CA VAL B 30 -20.39 -0.83 21.38
C VAL B 30 -20.70 -1.43 20.03
N GLY B 31 -20.08 -2.55 19.72
CA GLY B 31 -20.22 -3.10 18.40
C GLY B 31 -19.42 -4.36 18.13
N SER B 32 -19.07 -4.55 16.85
CA SER B 32 -18.56 -5.81 16.33
C SER B 32 -17.04 -6.00 16.15
N CYS B 33 -16.63 -7.24 16.35
CA CYS B 33 -15.29 -7.75 16.07
C CYS B 33 -15.42 -8.96 15.13
N MET B 34 -14.70 -8.92 14.01
CA MET B 34 -14.73 -10.03 13.03
C MET B 34 -13.37 -10.38 12.50
N THR B 35 -13.10 -11.65 12.43
CA THR B 35 -11.89 -12.14 11.84
C THR B 35 -12.14 -12.26 10.33
N ASP B 36 -11.34 -11.53 9.54
CA ASP B 36 -11.40 -11.59 8.11
C ASP B 36 -10.53 -12.75 7.66
N LEU B 37 -11.10 -13.64 6.87
CA LEU B 37 -10.39 -14.83 6.41
C LEU B 37 -10.29 -14.69 4.90
N VAL B 38 -9.14 -14.23 4.42
CA VAL B 38 -9.03 -13.77 3.02
C VAL B 38 -8.27 -14.72 2.12
N SER B 39 -8.91 -15.15 1.02
CA SER B 39 -8.26 -15.99 -0.01
C SER B 39 -8.16 -15.16 -1.29
N LEU B 40 -6.96 -15.11 -1.85
CA LEU B 40 -6.72 -14.40 -3.12
C LEU B 40 -6.66 -15.44 -4.26
N THR B 41 -7.42 -15.19 -5.32
CA THR B 41 -7.52 -16.08 -6.48
C THR B 41 -7.36 -15.30 -7.80
N SER B 42 -7.17 -15.99 -8.90
CA SER B 42 -7.17 -15.33 -10.21
C SER B 42 -8.61 -15.01 -10.66
N ARG B 43 -9.54 -15.91 -10.34
CA ARG B 43 -10.96 -15.76 -10.64
C ARG B 43 -11.79 -16.17 -9.44
N LEU B 44 -12.98 -15.59 -9.32
CA LEU B 44 -13.95 -16.00 -8.28
C LEU B 44 -14.53 -17.35 -8.67
N PRO B 45 -14.84 -18.21 -7.70
CA PRO B 45 -15.42 -19.45 -8.16
C PRO B 45 -16.90 -19.25 -8.56
N LYS B 46 -17.40 -20.17 -9.38
CA LYS B 46 -18.81 -20.23 -9.76
C LYS B 46 -19.52 -21.26 -8.87
N THR B 47 -20.84 -21.25 -8.88
CA THR B 47 -21.64 -22.22 -8.11
C THR B 47 -21.17 -23.60 -8.40
N GLY B 48 -20.95 -24.37 -7.34
CA GLY B 48 -20.57 -25.76 -7.47
C GLY B 48 -19.09 -26.02 -7.68
N GLU B 49 -18.28 -24.99 -8.00
CA GLU B 49 -16.87 -25.28 -8.33
C GLU B 49 -15.87 -25.11 -7.19
N THR B 50 -14.81 -25.91 -7.27
CA THR B 50 -13.68 -25.84 -6.35
CA THR B 50 -13.69 -25.80 -6.35
C THR B 50 -12.50 -25.28 -7.17
N ILE B 51 -11.95 -24.15 -6.77
CA ILE B 51 -10.80 -23.57 -7.48
C ILE B 51 -9.63 -23.41 -6.51
N HIS B 52 -8.43 -23.21 -7.05
CA HIS B 52 -7.22 -23.01 -6.27
C HIS B 52 -6.88 -21.53 -6.19
N GLY B 53 -6.54 -21.04 -5.02
CA GLY B 53 -6.11 -19.65 -4.84
C GLY B 53 -4.61 -19.62 -4.71
N HIS B 54 -4.02 -18.44 -4.54
CA HIS B 54 -2.55 -18.34 -4.37
C HIS B 54 -2.08 -17.86 -3.00
N LYS B 55 -2.93 -17.18 -2.26
CA LYS B 55 -2.55 -16.73 -0.93
C LYS B 55 -3.75 -16.62 -0.01
N PHE B 56 -3.52 -16.89 1.28
CA PHE B 56 -4.51 -16.75 2.33
C PHE B 56 -3.90 -15.93 3.44
N PHE B 57 -4.70 -15.05 4.01
CA PHE B 57 -4.27 -14.34 5.20
C PHE B 57 -5.46 -13.93 6.04
N ILE B 58 -5.16 -13.62 7.29
CA ILE B 58 -6.13 -13.23 8.29
C ILE B 58 -6.01 -11.75 8.54
N GLY B 59 -7.14 -11.09 8.68
CA GLY B 59 -7.16 -9.69 9.08
C GLY B 59 -8.13 -9.47 10.24
N PHE B 60 -7.94 -8.38 10.99
CA PHE B 60 -8.87 -8.03 12.04
C PHE B 60 -9.84 -7.03 11.46
N GLY B 61 -11.14 -7.34 11.51
CA GLY B 61 -12.16 -6.45 10.95
C GLY B 61 -13.31 -6.26 11.88
N GLY B 62 -14.45 -5.90 11.30
CA GLY B 62 -15.64 -5.58 12.07
C GLY B 62 -15.67 -4.07 12.22
N LYS B 63 -16.81 -3.48 11.91
CA LYS B 63 -16.97 -2.04 11.89
C LYS B 63 -16.71 -1.39 13.23
N GLY B 64 -17.21 -1.99 14.30
CA GLY B 64 -17.01 -1.50 15.62
C GLY B 64 -15.54 -1.39 15.96
N ALA B 65 -14.83 -2.51 15.80
CA ALA B 65 -13.38 -2.57 16.11
C ALA B 65 -12.60 -1.63 15.20
N ASN B 66 -12.94 -1.60 13.91
CA ASN B 66 -12.28 -0.69 12.95
C ASN B 66 -12.38 0.79 13.39
N GLN B 67 -13.58 1.17 13.80
CA GLN B 67 -13.84 2.54 14.25
C GLN B 67 -13.07 2.84 15.56
N CYS B 68 -13.06 1.87 16.46
CA CYS B 68 -12.36 2.01 17.74
C CYS B 68 -10.85 2.14 17.50
N VAL B 69 -10.34 1.34 16.58
CA VAL B 69 -8.90 1.35 16.22
C VAL B 69 -8.48 2.68 15.61
N GLN B 70 -9.28 3.26 14.71
CA GLN B 70 -8.89 4.58 14.14
C GLN B 70 -8.88 5.68 15.21
N ALA B 71 -9.86 5.67 16.11
CA ALA B 71 -9.96 6.66 17.20
C ALA B 71 -8.80 6.49 18.18
N ALA B 72 -8.48 5.24 18.51
CA ALA B 72 -7.34 4.95 19.39
C ALA B 72 -5.98 5.42 18.84
N ARG B 73 -5.76 5.24 17.54
CA ARG B 73 -4.48 5.61 16.87
C ARG B 73 -4.31 7.13 16.70
N LEU B 74 -5.44 7.84 16.71
CA LEU B 74 -5.44 9.29 16.64
C LEU B 74 -5.12 9.87 18.01
N GLY B 75 -5.23 9.04 19.05
CA GLY B 75 -4.88 9.44 20.41
C GLY B 75 -5.98 9.28 21.43
N ALA B 76 -7.16 8.83 21.02
CA ALA B 76 -8.28 8.74 21.92
C ALA B 76 -8.16 7.59 22.95
N MET B 77 -8.60 7.86 24.17
CA MET B 77 -8.73 6.82 25.18
CA MET B 77 -8.73 6.83 25.20
C MET B 77 -10.05 6.17 24.85
N THR B 78 -9.99 4.92 24.43
CA THR B 78 -11.17 4.16 23.96
C THR B 78 -11.42 2.89 24.77
N SER B 79 -12.66 2.39 24.70
CA SER B 79 -13.04 1.12 25.29
C SER B 79 -14.02 0.40 24.34
N MET B 80 -13.72 -0.86 24.03
CA MET B 80 -14.49 -1.66 23.11
C MET B 80 -15.44 -2.60 23.88
N VAL B 81 -16.75 -2.39 23.75
CA VAL B 81 -17.76 -3.27 24.34
C VAL B 81 -18.19 -4.20 23.23
N CYS B 82 -17.87 -5.47 23.38
CA CYS B 82 -18.10 -6.43 22.32
C CYS B 82 -18.06 -7.82 22.84
N LYS B 83 -18.33 -8.80 21.97
CA LYS B 83 -18.27 -10.20 22.37
C LYS B 83 -17.58 -11.01 21.30
N VAL B 84 -16.64 -11.84 21.73
CA VAL B 84 -15.90 -12.71 20.81
C VAL B 84 -16.08 -14.10 21.36
N GLY B 85 -15.50 -15.10 20.70
CA GLY B 85 -15.62 -16.46 21.11
C GLY B 85 -14.46 -16.86 21.98
N LYS B 86 -14.66 -17.87 22.78
CA LYS B 86 -13.61 -18.40 23.61
C LYS B 86 -12.87 -19.36 22.67
N ASP B 87 -12.26 -18.80 21.61
CA ASP B 87 -11.52 -19.58 20.60
C ASP B 87 -10.23 -18.80 20.26
N SER B 88 -9.39 -19.36 19.43
CA SER B 88 -8.12 -18.68 19.06
C SER B 88 -8.38 -17.35 18.36
N PHE B 89 -9.45 -17.27 17.56
CA PHE B 89 -9.80 -16.03 16.87
C PHE B 89 -10.11 -14.92 17.85
N GLY B 90 -10.83 -15.26 18.93
CA GLY B 90 -11.20 -14.29 19.96
C GLY B 90 -10.02 -13.91 20.79
N ASN B 91 -9.17 -14.88 21.12
CA ASN B 91 -7.95 -14.59 21.86
C ASN B 91 -7.05 -13.67 21.05
N ASP B 92 -6.93 -13.92 19.75
CA ASP B 92 -6.14 -13.03 18.89
C ASP B 92 -6.79 -11.65 18.82
N TYR B 93 -8.14 -11.58 18.69
CA TYR B 93 -8.81 -10.25 18.60
C TYR B 93 -8.60 -9.41 19.89
N ILE B 94 -8.67 -10.06 21.04
CA ILE B 94 -8.43 -9.36 22.28
C ILE B 94 -7.02 -8.75 22.28
N GLU B 95 -6.04 -9.53 21.83
CA GLU B 95 -4.67 -9.08 21.73
C GLU B 95 -4.48 -7.98 20.68
N ASN B 96 -5.24 -8.04 19.58
CA ASN B 96 -5.26 -6.94 18.59
C ASN B 96 -5.69 -5.64 19.27
N LEU B 97 -6.74 -5.70 20.06
CA LEU B 97 -7.27 -4.49 20.73
C LEU B 97 -6.25 -3.94 21.73
N LYS B 98 -5.70 -4.81 22.56
CA LYS B 98 -4.65 -4.44 23.50
C LYS B 98 -3.44 -3.79 22.78
N GLN B 99 -2.96 -4.43 21.70
CA GLN B 99 -1.85 -3.90 20.89
C GLN B 99 -2.17 -2.47 20.38
N ASN B 100 -3.45 -2.20 20.13
CA ASN B 100 -3.91 -0.87 19.71
C ASN B 100 -4.27 0.06 20.88
N ASP B 101 -3.90 -0.36 22.11
CA ASP B 101 -4.13 0.42 23.37
C ASP B 101 -5.61 0.75 23.60
N ILE B 102 -6.46 -0.21 23.29
CA ILE B 102 -7.88 -0.08 23.46
C ILE B 102 -8.20 -0.87 24.72
N SER B 103 -9.02 -0.31 25.61
CA SER B 103 -9.45 -1.04 26.81
C SER B 103 -10.33 -2.20 26.38
N THR B 104 -10.08 -3.36 26.99
CA THR B 104 -10.84 -4.58 26.76
C THR B 104 -11.59 -5.00 28.06
N GLU B 105 -11.84 -4.04 28.94
CA GLU B 105 -12.58 -4.29 30.19
C GLU B 105 -13.93 -4.98 29.95
N PHE B 106 -14.59 -4.61 28.86
CA PHE B 106 -15.91 -5.11 28.49
C PHE B 106 -15.91 -5.76 27.13
N THR B 107 -14.78 -6.35 26.78
CA THR B 107 -14.68 -7.26 25.69
C THR B 107 -14.93 -8.66 26.26
N TYR B 108 -16.13 -9.19 26.04
CA TYR B 108 -16.53 -10.48 26.57
C TYR B 108 -16.07 -11.61 25.68
N GLN B 109 -16.02 -12.81 26.25
CA GLN B 109 -15.72 -14.06 25.49
C GLN B 109 -16.79 -15.09 25.83
N THR B 110 -17.30 -15.78 24.83
CA THR B 110 -18.33 -16.78 25.03
C THR B 110 -18.00 -18.14 24.42
N LYS B 111 -18.35 -19.20 25.14
CA LYS B 111 -18.19 -20.56 24.67
C LYS B 111 -19.33 -21.02 23.76
N ASP B 112 -20.37 -20.18 23.64
CA ASP B 112 -21.60 -20.54 22.93
C ASP B 112 -21.63 -20.21 21.46
N ALA B 113 -20.69 -19.39 21.00
CA ALA B 113 -20.59 -19.06 19.58
C ALA B 113 -19.15 -18.78 19.24
N ALA B 114 -18.81 -19.00 17.97
CA ALA B 114 -17.49 -18.68 17.46
C ALA B 114 -17.40 -17.15 17.27
N THR B 115 -16.18 -16.64 17.36
CA THR B 115 -15.90 -15.26 17.02
C THR B 115 -16.49 -15.01 15.65
N GLY B 116 -17.08 -13.82 15.46
CA GLY B 116 -17.72 -13.49 14.18
C GLY B 116 -16.66 -13.56 13.10
N THR B 117 -17.06 -13.90 11.87
CA THR B 117 -16.10 -14.14 10.77
C THR B 117 -16.56 -13.51 9.47
N ALA B 118 -15.60 -13.09 8.64
CA ALA B 118 -15.89 -12.67 7.25
C ALA B 118 -14.96 -13.45 6.32
N SER B 119 -15.52 -14.46 5.64
CA SER B 119 -14.81 -15.21 4.59
C SER B 119 -14.87 -14.44 3.32
N ILE B 120 -13.71 -13.96 2.89
CA ILE B 120 -13.57 -13.08 1.78
C ILE B 120 -12.76 -13.78 0.71
N ILE B 121 -13.31 -13.83 -0.51
CA ILE B 121 -12.58 -14.31 -1.69
C ILE B 121 -12.41 -13.11 -2.62
N VAL B 122 -11.16 -12.83 -3.03
CA VAL B 122 -10.82 -11.68 -3.87
C VAL B 122 -10.05 -12.13 -5.11
N ASN B 123 -10.51 -11.71 -6.29
CA ASN B 123 -9.80 -12.02 -7.53
C ASN B 123 -8.78 -10.92 -7.88
N ASN B 124 -8.09 -11.06 -9.01
CA ASN B 124 -7.04 -10.11 -9.38
C ASN B 124 -7.54 -8.75 -9.83
N GLU B 125 -8.84 -8.64 -10.06
CA GLU B 125 -9.45 -7.37 -10.43
C GLU B 125 -9.93 -6.63 -9.19
N GLY B 126 -9.80 -7.24 -8.01
CA GLY B 126 -10.29 -6.64 -6.78
C GLY B 126 -11.76 -6.93 -6.51
N GLN B 127 -12.39 -7.76 -7.35
CA GLN B 127 -13.79 -8.16 -7.17
C GLN B 127 -13.88 -9.24 -6.14
N ASN B 128 -14.85 -9.14 -5.24
CA ASN B 128 -14.95 -10.10 -4.16
C ASN B 128 -16.30 -10.75 -3.95
N ILE B 129 -16.27 -11.79 -3.15
CA ILE B 129 -17.44 -12.50 -2.64
C ILE B 129 -17.16 -12.60 -1.14
N ILE B 130 -18.10 -12.15 -0.31
CA ILE B 130 -17.94 -12.17 1.17
C ILE B 130 -19.12 -12.85 1.88
N VAL B 131 -18.80 -13.76 2.80
CA VAL B 131 -19.80 -14.41 3.66
C VAL B 131 -19.49 -14.08 5.10
N ILE B 132 -20.34 -13.26 5.68
CA ILE B 132 -20.24 -12.85 7.07
C ILE B 132 -21.10 -13.73 7.96
N VAL B 133 -20.46 -14.27 9.01
CA VAL B 133 -21.17 -15.01 10.06
C VAL B 133 -20.96 -14.18 11.33
N ALA B 134 -22.03 -13.51 11.78
CA ALA B 134 -21.99 -12.62 12.94
C ALA B 134 -21.45 -13.33 14.21
N GLY B 135 -21.77 -14.60 14.38
CA GLY B 135 -21.28 -15.40 15.52
C GLY B 135 -21.52 -14.81 16.91
N ALA B 136 -20.47 -14.78 17.72
CA ALA B 136 -20.50 -14.25 19.10
C ALA B 136 -20.95 -12.79 19.20
N ASN B 137 -20.79 -12.02 18.12
CA ASN B 137 -21.27 -10.64 18.08
C ASN B 137 -22.79 -10.53 18.39
N LEU B 138 -23.54 -11.56 17.99
CA LEU B 138 -25.00 -11.59 18.20
C LEU B 138 -25.37 -11.93 19.64
N LEU B 139 -24.40 -12.40 20.41
CA LEU B 139 -24.63 -12.74 21.78
C LEU B 139 -24.26 -11.61 22.75
N LEU B 140 -23.74 -10.49 22.26
CA LEU B 140 -23.60 -9.34 23.12
C LEU B 140 -25.03 -8.90 23.46
N ASN B 141 -25.36 -8.95 24.75
CA ASN B 141 -26.74 -8.72 25.21
C ASN B 141 -26.90 -7.48 26.11
N THR B 142 -28.13 -7.24 26.56
CA THR B 142 -28.42 -6.03 27.36
C THR B 142 -27.72 -6.03 28.75
N GLU B 143 -27.53 -7.22 29.33
CA GLU B 143 -26.86 -7.36 30.62
C GLU B 143 -25.36 -7.12 30.50
N ASP B 144 -24.79 -7.56 29.37
CA ASP B 144 -23.39 -7.25 29.06
C ASP B 144 -23.21 -5.71 29.06
N LEU B 145 -24.13 -5.02 28.38
CA LEU B 145 -24.21 -3.55 28.37
C LEU B 145 -24.39 -2.88 29.75
N ARG B 146 -25.34 -3.37 30.55
CA ARG B 146 -25.57 -2.76 31.86
C ARG B 146 -24.32 -2.84 32.73
N ALA B 147 -23.57 -3.94 32.60
CA ALA B 147 -22.30 -4.09 33.34
C ALA B 147 -21.30 -2.97 32.96
N ALA B 148 -21.49 -2.37 31.78
CA ALA B 148 -20.63 -1.32 31.28
C ALA B 148 -21.20 0.06 31.58
N ALA B 149 -22.30 0.12 32.34
CA ALA B 149 -23.00 1.39 32.62
C ALA B 149 -22.08 2.53 33.03
N ASN B 150 -21.11 2.27 33.89
CA ASN B 150 -20.25 3.32 34.45
C ASN B 150 -19.24 3.90 33.49
N VAL B 151 -18.72 3.05 32.59
CA VAL B 151 -17.85 3.49 31.52
C VAL B 151 -18.65 4.30 30.50
N ILE B 152 -19.85 3.81 30.18
CA ILE B 152 -20.71 4.47 29.21
C ILE B 152 -21.11 5.88 29.67
N SER B 153 -21.42 6.05 30.96
CA SER B 153 -21.85 7.37 31.47
C SER B 153 -20.72 8.41 31.64
N ARG B 154 -19.46 7.95 31.74
CA ARG B 154 -18.27 8.86 31.85
C ARG B 154 -17.60 9.15 30.47
N ALA B 155 -18.15 8.60 29.40
CA ALA B 155 -17.61 8.77 28.09
C ALA B 155 -18.17 10.04 27.48
N LYS B 156 -17.46 10.58 26.48
CA LYS B 156 -17.91 11.76 25.73
C LYS B 156 -18.70 11.33 24.51
N VAL B 157 -18.29 10.23 23.90
CA VAL B 157 -18.92 9.74 22.70
C VAL B 157 -19.23 8.24 22.83
N MET B 158 -20.36 7.83 22.24
CA MET B 158 -20.82 6.43 22.21
C MET B 158 -21.02 6.09 20.76
N VAL B 159 -20.27 5.12 20.25
CA VAL B 159 -20.36 4.75 18.85
C VAL B 159 -21.00 3.39 18.68
N CYS B 160 -22.02 3.31 17.80
CA CYS B 160 -22.74 2.06 17.45
C CYS B 160 -22.90 1.84 15.95
N GLN B 161 -23.09 0.59 15.55
CA GLN B 161 -23.39 0.18 14.17
C GLN B 161 -24.50 -0.86 14.19
N LEU B 162 -24.69 -1.56 13.07
CA LEU B 162 -25.68 -2.60 12.99
C LEU B 162 -25.08 -3.99 12.70
N GLU B 163 -23.96 -4.33 13.35
CA GLU B 163 -23.37 -5.67 13.21
C GLU B 163 -23.46 -6.48 14.52
N ILE B 164 -24.31 -6.02 15.43
CA ILE B 164 -24.66 -6.77 16.63
C ILE B 164 -26.19 -6.80 16.65
N THR B 165 -26.79 -7.39 17.66
CA THR B 165 -28.24 -7.41 17.72
C THR B 165 -28.77 -5.94 17.83
N PRO B 166 -29.72 -5.54 16.95
CA PRO B 166 -30.24 -4.16 17.01
C PRO B 166 -30.69 -3.75 18.40
N ALA B 167 -31.38 -4.64 19.10
CA ALA B 167 -31.86 -4.37 20.46
C ALA B 167 -30.72 -3.93 21.40
N THR B 168 -29.52 -4.53 21.24
CA THR B 168 -28.35 -4.15 22.07
C THR B 168 -27.83 -2.75 21.68
N SER B 169 -27.74 -2.46 20.37
CA SER B 169 -27.34 -1.13 19.87
C SER B 169 -28.33 -0.05 20.33
N LEU B 170 -29.62 -0.37 20.31
CA LEU B 170 -30.65 0.56 20.73
C LEU B 170 -30.53 0.84 22.24
N GLU B 171 -30.20 -0.17 23.02
CA GLU B 171 -30.05 -0.01 24.46
C GLU B 171 -28.77 0.75 24.76
N ALA B 172 -27.73 0.55 23.96
CA ALA B 172 -26.46 1.32 24.15
C ALA B 172 -26.71 2.81 23.92
N LEU B 173 -27.50 3.10 22.90
CA LEU B 173 -27.85 4.47 22.54
C LEU B 173 -28.68 5.13 23.63
N THR B 174 -29.61 4.38 24.21
CA THR B 174 -30.46 4.87 25.28
C THR B 174 -29.63 5.18 26.55
N MET B 175 -28.75 4.29 26.95
CA MET B 175 -27.92 4.52 28.15
C MET B 175 -27.08 5.80 28.00
N ALA B 176 -26.43 5.97 26.84
CA ALA B 176 -25.59 7.15 26.58
C ALA B 176 -26.43 8.41 26.61
N ARG B 177 -27.61 8.31 26.02
CA ARG B 177 -28.52 9.44 25.92
C ARG B 177 -29.03 9.82 27.31
N ARG B 178 -29.29 8.82 28.15
CA ARG B 178 -29.71 9.07 29.51
C ARG B 178 -28.57 9.67 30.37
N SER B 179 -27.30 9.44 30.01
CA SER B 179 -26.17 10.02 30.78
C SER B 179 -25.56 11.26 30.08
N GLY B 180 -26.24 11.76 29.03
CA GLY B 180 -25.79 12.95 28.32
C GLY B 180 -24.61 12.76 27.39
N VAL B 181 -24.28 11.51 27.09
CA VAL B 181 -23.17 11.18 26.21
C VAL B 181 -23.60 11.31 24.75
N LYS B 182 -22.72 11.85 23.90
CA LYS B 182 -23.01 12.07 22.48
C LYS B 182 -23.07 10.73 21.75
N THR B 183 -24.11 10.55 20.93
CA THR B 183 -24.29 9.30 20.22
C THR B 183 -23.97 9.44 18.74
N LEU B 184 -23.11 8.54 18.27
CA LEU B 184 -22.70 8.49 16.88
C LEU B 184 -23.11 7.11 16.36
N PHE B 185 -24.12 7.08 15.50
CA PHE B 185 -24.68 5.86 15.01
C PHE B 185 -24.43 5.74 13.53
N ASN B 186 -23.92 4.57 13.17
CA ASN B 186 -23.57 4.19 11.81
C ASN B 186 -24.43 3.00 11.39
N PRO B 187 -25.56 3.24 10.69
CA PRO B 187 -26.50 2.15 10.33
C PRO B 187 -25.97 1.29 9.20
N ALA B 188 -24.96 0.49 9.55
CA ALA B 188 -24.16 -0.29 8.62
C ALA B 188 -23.93 -1.66 9.21
N PRO B 189 -24.27 -2.73 8.46
CA PRO B 189 -25.00 -2.67 7.16
C PRO B 189 -26.44 -2.15 7.34
N ALA B 190 -26.97 -1.47 6.32
CA ALA B 190 -28.29 -0.82 6.43
C ALA B 190 -29.45 -1.82 6.36
N ILE B 191 -30.48 -1.58 7.19
CA ILE B 191 -31.70 -2.40 7.22
C ILE B 191 -32.84 -1.52 6.68
N ALA B 192 -33.59 -2.04 5.69
CA ALA B 192 -34.68 -1.28 5.05
C ALA B 192 -35.72 -0.71 6.03
N ASP B 193 -36.09 -1.49 7.03
CA ASP B 193 -37.10 -1.09 8.01
C ASP B 193 -36.49 -0.82 9.37
N LEU B 194 -35.47 0.02 9.39
CA LEU B 194 -34.75 0.29 10.62
C LEU B 194 -35.73 0.89 11.62
N ASP B 195 -35.73 0.38 12.84
CA ASP B 195 -36.60 0.88 13.92
C ASP B 195 -36.49 2.40 14.02
N PRO B 196 -37.65 3.12 14.00
CA PRO B 196 -37.70 4.58 14.16
C PRO B 196 -36.90 5.18 15.33
N GLN B 197 -36.76 4.41 16.40
CA GLN B 197 -36.12 4.92 17.58
C GLN B 197 -34.62 5.15 17.38
N PHE B 198 -33.98 4.42 16.46
CA PHE B 198 -32.55 4.64 16.11
C PHE B 198 -32.26 6.09 15.68
N TYR B 199 -33.18 6.68 14.92
CA TYR B 199 -33.03 8.02 14.40
C TYR B 199 -33.13 9.05 15.51
N THR B 200 -34.12 8.89 16.39
CA THR B 200 -34.38 9.83 17.49
C THR B 200 -33.36 9.71 18.64
N LEU B 201 -32.60 8.62 18.66
CA LEU B 201 -31.53 8.41 19.66
C LEU B 201 -30.17 8.78 19.10
N SER B 202 -30.11 9.20 17.84
CA SER B 202 -28.82 9.53 17.21
C SER B 202 -28.55 11.04 17.19
N ASP B 203 -27.44 11.45 17.82
CA ASP B 203 -26.98 12.82 17.73
C ASP B 203 -26.34 13.02 16.37
N VAL B 204 -25.49 12.08 15.99
CA VAL B 204 -24.84 12.11 14.67
C VAL B 204 -25.14 10.76 13.99
N PHE B 205 -25.81 10.82 12.84
CA PHE B 205 -26.19 9.65 12.10
C PHE B 205 -25.34 9.69 10.84
N CYS B 206 -24.48 8.68 10.69
CA CYS B 206 -23.49 8.68 9.61
C CYS B 206 -23.52 7.39 8.79
N CYS B 207 -23.79 7.51 7.50
CA CYS B 207 -23.81 6.34 6.62
C CYS B 207 -23.28 6.71 5.23
N ASN B 208 -23.21 5.72 4.35
CA ASN B 208 -22.73 5.94 2.98
C ASN B 208 -23.89 5.98 1.98
N GLU B 209 -23.56 6.20 0.70
CA GLU B 209 -24.56 6.29 -0.35
C GLU B 209 -25.47 5.04 -0.48
N SER B 210 -24.89 3.85 -0.34
CA SER B 210 -25.66 2.60 -0.46
C SER B 210 -26.65 2.39 0.69
N GLU B 211 -26.19 2.62 1.91
CA GLU B 211 -27.04 2.56 3.10
C GLU B 211 -28.18 3.59 3.03
N ALA B 212 -27.87 4.81 2.61
CA ALA B 212 -28.89 5.87 2.41
C ALA B 212 -29.95 5.45 1.40
N GLU B 213 -29.56 4.74 0.35
CA GLU B 213 -30.51 4.25 -0.63
C GLU B 213 -31.44 3.23 0.00
N ILE B 214 -30.86 2.33 0.80
CA ILE B 214 -31.62 1.29 1.47
C ILE B 214 -32.61 1.89 2.50
N LEU B 215 -32.14 2.88 3.25
CA LEU B 215 -32.92 3.46 4.32
C LEU B 215 -34.07 4.33 3.82
N THR B 216 -33.85 5.03 2.71
CA THR B 216 -34.81 5.98 2.16
C THR B 216 -35.52 5.49 0.89
N GLY B 217 -34.92 4.57 0.15
CA GLY B 217 -35.48 4.11 -1.14
C GLY B 217 -35.18 5.05 -2.32
N LEU B 218 -34.36 6.08 -2.08
CA LEU B 218 -33.99 7.01 -3.11
C LEU B 218 -32.69 6.53 -3.73
N THR B 219 -32.46 6.91 -4.98
CA THR B 219 -31.21 6.63 -5.68
C THR B 219 -30.22 7.75 -5.36
N VAL B 220 -29.04 7.38 -4.85
CA VAL B 220 -27.99 8.35 -4.47
C VAL B 220 -26.74 8.11 -5.32
N GLY B 221 -26.69 8.83 -6.43
CA GLY B 221 -25.54 8.80 -7.36
C GLY B 221 -24.91 10.18 -7.58
N SER B 222 -25.16 11.12 -6.67
CA SER B 222 -24.51 12.42 -6.69
C SER B 222 -24.64 13.04 -5.31
N ALA B 223 -23.98 14.18 -5.11
CA ALA B 223 -24.06 14.87 -3.84
C ALA B 223 -25.45 15.52 -3.66
N ALA B 224 -26.06 15.97 -4.75
CA ALA B 224 -27.42 16.54 -4.71
C ALA B 224 -28.47 15.47 -4.37
N ASP B 225 -28.24 14.23 -4.84
CA ASP B 225 -29.11 13.12 -4.49
C ASP B 225 -28.96 12.83 -2.99
N ALA B 226 -27.71 12.81 -2.50
CA ALA B 226 -27.43 12.58 -1.08
C ALA B 226 -28.07 13.64 -0.18
N GLY B 227 -28.11 14.88 -0.64
CA GLY B 227 -28.79 15.96 0.10
C GLY B 227 -30.30 15.68 0.28
N GLU B 228 -30.94 15.19 -0.79
CA GLU B 228 -32.34 14.75 -0.73
C GLU B 228 -32.55 13.62 0.27
N ALA B 229 -31.69 12.61 0.19
CA ALA B 229 -31.79 11.46 1.08
C ALA B 229 -31.48 11.86 2.54
N ALA B 230 -30.54 12.79 2.74
CA ALA B 230 -30.18 13.26 4.09
C ALA B 230 -31.36 13.97 4.81
N LEU B 231 -32.17 14.72 4.04
CA LEU B 231 -33.31 15.46 4.60
C LEU B 231 -34.38 14.50 5.12
N VAL B 232 -34.62 13.40 4.39
CA VAL B 232 -35.54 12.33 4.84
C VAL B 232 -35.03 11.76 6.19
N LEU B 233 -33.74 11.43 6.26
CA LEU B 233 -33.14 10.89 7.50
C LEU B 233 -33.24 11.90 8.66
N LEU B 234 -33.04 13.17 8.34
CA LEU B 234 -33.16 14.29 9.31
C LEU B 234 -34.60 14.51 9.83
N LYS B 235 -35.60 14.31 8.95
CA LYS B 235 -37.00 14.46 9.32
C LYS B 235 -37.42 13.33 10.27
N ARG B 236 -36.74 12.21 10.17
CA ARG B 236 -37.00 11.06 11.03
C ARG B 236 -36.49 11.23 12.48
N GLY B 237 -35.70 12.27 12.75
CA GLY B 237 -35.29 12.61 14.12
C GLY B 237 -33.81 12.78 14.44
N CYS B 238 -32.92 12.52 13.48
CA CYS B 238 -31.47 12.71 13.72
C CYS B 238 -31.15 14.17 13.98
N GLN B 239 -30.14 14.42 14.81
CA GLN B 239 -29.69 15.80 15.06
C GLN B 239 -28.80 16.28 13.93
N VAL B 240 -27.84 15.42 13.55
CA VAL B 240 -26.94 15.63 12.43
C VAL B 240 -27.00 14.40 11.49
N VAL B 241 -27.03 14.65 10.17
CA VAL B 241 -26.92 13.57 9.21
C VAL B 241 -25.71 13.81 8.30
N ILE B 242 -24.87 12.78 8.18
CA ILE B 242 -23.74 12.80 7.28
C ILE B 242 -23.88 11.59 6.35
N ILE B 243 -23.78 11.85 5.05
CA ILE B 243 -23.74 10.77 4.07
C ILE B 243 -22.37 10.82 3.41
N THR B 244 -21.59 9.74 3.52
CA THR B 244 -20.27 9.69 2.88
C THR B 244 -20.39 9.33 1.40
N LEU B 245 -19.56 9.98 0.58
CA LEU B 245 -19.65 9.88 -0.88
C LEU B 245 -18.34 9.39 -1.59
N GLY B 246 -17.56 8.54 -0.93
CA GLY B 246 -16.34 8.02 -1.51
C GLY B 246 -15.46 9.20 -1.81
N ALA B 247 -14.95 9.26 -3.06
CA ALA B 247 -14.03 10.32 -3.50
C ALA B 247 -14.66 11.70 -3.56
N GLU B 248 -16.02 11.78 -3.58
CA GLU B 248 -16.73 13.07 -3.57
C GLU B 248 -16.85 13.67 -2.15
N GLY B 249 -16.34 12.96 -1.13
CA GLY B 249 -16.28 13.48 0.23
C GLY B 249 -17.49 13.09 1.06
N CYS B 250 -18.28 14.08 1.46
CA CYS B 250 -19.48 13.85 2.23
C CYS B 250 -20.38 15.05 2.19
N VAL B 251 -21.65 14.81 2.51
CA VAL B 251 -22.67 15.87 2.60
C VAL B 251 -23.23 15.86 4.02
N VAL B 252 -23.48 17.04 4.60
CA VAL B 252 -23.97 17.11 5.97
C VAL B 252 -25.15 18.08 6.14
N LEU B 253 -26.10 17.67 6.99
CA LEU B 253 -27.27 18.49 7.39
C LEU B 253 -27.42 18.37 8.89
N SER B 254 -28.04 19.37 9.48
CA SER B 254 -28.36 19.29 10.91
C SER B 254 -29.68 19.95 11.14
N GLN B 255 -30.18 19.83 12.36
CA GLN B 255 -31.43 20.45 12.76
C GLN B 255 -31.26 21.99 12.78
N THR B 256 -30.07 22.45 13.13
CA THR B 256 -29.77 23.89 13.21
C THR B 256 -29.43 24.50 11.83
N GLU B 257 -28.71 23.78 10.97
CA GLU B 257 -28.47 24.23 9.57
C GLU B 257 -28.90 23.10 8.62
N PRO B 258 -30.22 22.97 8.37
CA PRO B 258 -30.78 21.84 7.61
C PRO B 258 -30.53 21.90 6.10
N GLU B 259 -29.92 22.97 5.62
CA GLU B 259 -29.51 23.10 4.22
C GLU B 259 -28.25 22.22 3.97
N PRO B 260 -28.32 21.30 3.00
CA PRO B 260 -27.17 20.39 2.83
C PRO B 260 -25.91 21.11 2.40
N LYS B 261 -24.76 20.69 2.92
CA LYS B 261 -23.50 21.25 2.45
C LYS B 261 -22.53 20.13 2.11
N HIS B 262 -22.05 20.18 0.87
CA HIS B 262 -21.09 19.23 0.35
C HIS B 262 -19.67 19.63 0.83
N ILE B 263 -18.94 18.65 1.36
CA ILE B 263 -17.59 18.87 1.88
C ILE B 263 -16.67 17.96 1.09
N PRO B 264 -15.92 18.53 0.10
CA PRO B 264 -15.02 17.69 -0.68
C PRO B 264 -13.89 17.10 0.16
N THR B 265 -13.30 16.03 -0.36
CA THR B 265 -12.17 15.35 0.26
C THR B 265 -10.98 15.58 -0.66
N GLU B 266 -9.82 15.05 -0.27
CA GLU B 266 -8.61 15.21 -1.07
C GLU B 266 -8.67 14.24 -2.25
N LYS B 267 -8.44 14.78 -3.46
CA LYS B 267 -8.34 13.99 -4.70
C LYS B 267 -7.03 13.17 -4.65
N VAL B 268 -7.16 11.85 -4.47
CA VAL B 268 -6.02 11.02 -4.13
C VAL B 268 -6.08 9.67 -4.90
N LYS B 269 -4.93 9.02 -5.15
CA LYS B 269 -4.95 7.68 -5.80
C LYS B 269 -5.23 6.61 -4.74
N ALA B 270 -6.34 5.90 -4.90
CA ALA B 270 -6.79 4.89 -3.93
C ALA B 270 -6.03 3.59 -4.11
N VAL B 271 -5.51 3.03 -3.03
CA VAL B 271 -4.84 1.73 -3.05
C VAL B 271 -5.85 0.63 -2.62
N ASP B 272 -6.65 0.93 -1.59
CA ASP B 272 -7.64 -0.01 -1.10
C ASP B 272 -8.58 0.81 -0.23
N THR B 273 -9.84 0.92 -0.67
CA THR B 273 -10.86 1.75 0.02
C THR B 273 -11.61 1.03 1.15
N THR B 274 -11.35 -0.27 1.30
CA THR B 274 -11.99 -1.07 2.34
C THR B 274 -11.75 -0.45 3.71
N GLY B 275 -12.85 -0.20 4.42
CA GLY B 275 -12.80 0.30 5.82
C GLY B 275 -12.58 1.80 5.94
N ALA B 276 -12.75 2.49 4.81
CA ALA B 276 -12.52 3.94 4.72
C ALA B 276 -13.57 4.70 5.54
N GLY B 277 -14.81 4.20 5.49
CA GLY B 277 -15.95 4.73 6.26
C GLY B 277 -15.72 4.53 7.72
N ASP B 278 -15.20 3.35 8.10
CA ASP B 278 -14.88 3.09 9.52
C ASP B 278 -13.77 4.05 10.00
N SER B 279 -12.78 4.36 9.14
CA SER B 279 -11.74 5.35 9.48
C SER B 279 -12.37 6.73 9.66
N PHE B 280 -13.33 7.06 8.78
CA PHE B 280 -14.06 8.31 8.83
C PHE B 280 -14.82 8.42 10.14
N VAL B 281 -15.60 7.39 10.47
CA VAL B 281 -16.41 7.38 11.71
C VAL B 281 -15.54 7.43 12.97
N GLY B 282 -14.46 6.63 12.99
CA GLY B 282 -13.51 6.64 14.11
C GLY B 282 -12.85 8.01 14.30
N ALA B 283 -12.47 8.64 13.18
CA ALA B 283 -11.92 9.99 13.21
C ALA B 283 -12.97 10.99 13.74
N LEU B 284 -14.17 10.98 13.19
CA LEU B 284 -15.22 11.86 13.68
C LEU B 284 -15.46 11.67 15.22
N ALA B 285 -15.49 10.40 15.68
CA ALA B 285 -15.64 10.12 17.13
C ALA B 285 -14.60 10.88 17.97
N PHE B 286 -13.34 10.77 17.55
CA PHE B 286 -12.21 11.45 18.16
C PHE B 286 -12.42 12.97 18.21
N TYR B 287 -12.86 13.57 17.12
CA TYR B 287 -13.09 15.03 17.11
C TYR B 287 -14.33 15.45 17.91
N LEU B 288 -15.33 14.60 17.95
CA LEU B 288 -16.50 14.86 18.75
C LEU B 288 -16.13 14.83 20.24
N ALA B 289 -15.27 13.89 20.64
CA ALA B 289 -14.89 13.75 22.05
C ALA B 289 -13.77 14.70 22.54
N TYR B 290 -12.81 15.02 21.68
CA TYR B 290 -11.63 15.80 22.10
C TYR B 290 -11.60 17.22 21.58
N TYR B 291 -12.41 17.52 20.58
CA TYR B 291 -12.40 18.84 19.95
C TYR B 291 -13.83 19.32 19.78
N PRO B 292 -14.60 19.34 20.89
CA PRO B 292 -16.02 19.67 20.80
C PRO B 292 -16.23 21.14 20.39
N ASN B 293 -15.33 22.00 20.83
CA ASN B 293 -15.35 23.40 20.47
C ASN B 293 -14.77 23.71 19.03
N LEU B 294 -14.77 22.70 18.14
CA LEU B 294 -14.53 22.90 16.68
C LEU B 294 -15.89 22.81 16.00
N SER B 295 -16.02 23.40 14.81
CA SER B 295 -17.28 23.36 14.05
C SER B 295 -17.35 22.03 13.35
N LEU B 296 -18.56 21.55 13.15
CA LEU B 296 -18.76 20.25 12.51
C LEU B 296 -18.12 20.19 11.11
N GLU B 297 -18.25 21.27 10.34
CA GLU B 297 -17.66 21.35 8.98
C GLU B 297 -16.11 21.11 8.97
N ASP B 298 -15.44 21.66 9.99
CA ASP B 298 -14.00 21.49 10.25
C ASP B 298 -13.69 20.02 10.67
N MET B 299 -14.46 19.48 11.62
CA MET B 299 -14.32 18.08 12.04
C MET B 299 -14.45 17.13 10.83
N LEU B 300 -15.41 17.42 9.95
CA LEU B 300 -15.66 16.61 8.75
C LEU B 300 -14.56 16.77 7.70
N ASN B 301 -14.05 17.98 7.54
CA ASN B 301 -12.84 18.18 6.72
C ASN B 301 -11.68 17.32 7.19
N ARG B 302 -11.44 17.31 8.51
CA ARG B 302 -10.36 16.54 9.11
C ARG B 302 -10.60 15.03 9.03
N SER B 303 -11.87 14.62 9.19
CA SER B 303 -12.26 13.23 9.11
C SER B 303 -12.14 12.75 7.66
N ASN B 304 -12.59 13.58 6.72
CA ASN B 304 -12.36 13.28 5.29
C ASN B 304 -10.89 13.05 4.94
N PHE B 305 -10.02 13.87 5.54
CA PHE B 305 -8.58 13.77 5.30
C PHE B 305 -8.01 12.48 5.83
N ILE B 306 -8.25 12.18 7.11
CA ILE B 306 -7.78 10.92 7.74
C ILE B 306 -8.22 9.68 6.90
N ALA B 307 -9.49 9.69 6.51
CA ALA B 307 -10.08 8.63 5.68
C ALA B 307 -9.41 8.56 4.29
N ALA B 308 -9.07 9.74 3.74
CA ALA B 308 -8.35 9.85 2.44
C ALA B 308 -6.94 9.28 2.52
N VAL B 309 -6.37 9.29 3.73
CA VAL B 309 -5.06 8.70 4.01
C VAL B 309 -5.20 7.17 4.12
N SER B 310 -6.23 6.69 4.81
CA SER B 310 -6.42 5.25 4.90
C SER B 310 -6.67 4.59 3.50
N VAL B 311 -7.30 5.31 2.57
CA VAL B 311 -7.58 4.72 1.25
C VAL B 311 -6.30 4.54 0.39
N GLN B 312 -5.20 5.17 0.80
CA GLN B 312 -3.93 5.08 0.11
C GLN B 312 -3.05 3.97 0.65
N ALA B 313 -3.56 3.16 1.57
CA ALA B 313 -2.84 2.02 2.07
C ALA B 313 -3.73 0.78 2.07
N ALA B 314 -3.11 -0.39 2.09
CA ALA B 314 -3.86 -1.64 2.04
C ALA B 314 -4.13 -2.22 3.43
N GLY B 315 -5.15 -3.06 3.51
CA GLY B 315 -5.33 -3.92 4.68
C GLY B 315 -6.25 -3.50 5.79
N THR B 316 -7.20 -2.60 5.50
CA THR B 316 -8.20 -2.14 6.52
C THR B 316 -7.53 -1.58 7.81
N GLN B 317 -7.54 -2.29 8.96
CA GLN B 317 -6.89 -1.73 10.18
C GLN B 317 -5.41 -1.38 9.96
N SER B 318 -4.73 -2.12 9.07
CA SER B 318 -3.34 -1.84 8.70
C SER B 318 -3.19 -0.52 7.98
N SER B 319 -4.29 0.00 7.46
CA SER B 319 -4.25 1.22 6.71
C SER B 319 -4.60 2.47 7.56
N TYR B 320 -5.05 2.28 8.79
CA TYR B 320 -5.44 3.43 9.65
C TYR B 320 -4.21 4.14 10.24
N PRO B 321 -4.02 5.41 9.89
CA PRO B 321 -2.84 6.15 10.31
C PRO B 321 -2.86 6.59 11.77
N TYR B 322 -1.66 6.83 12.28
CA TYR B 322 -1.42 7.28 13.63
C TYR B 322 -1.32 8.79 13.65
N LYS B 323 -1.60 9.37 14.81
CA LYS B 323 -1.43 10.81 15.07
C LYS B 323 -0.03 11.28 14.63
N LYS B 324 0.99 10.48 14.98
CA LYS B 324 2.40 10.78 14.66
C LYS B 324 2.65 10.90 13.16
N ASP B 325 1.91 10.16 12.36
CA ASP B 325 2.12 10.17 10.92
C ASP B 325 1.18 11.12 10.16
N LEU B 326 0.51 12.02 10.88
CA LEU B 326 -0.41 12.97 10.27
C LEU B 326 0.06 14.40 10.50
N PRO B 327 -0.37 15.34 9.63
CA PRO B 327 -0.03 16.71 9.77
C PRO B 327 -0.48 17.26 11.11
N LEU B 328 0.34 18.14 11.65
CA LEU B 328 0.08 18.79 12.91
C LEU B 328 -1.18 19.63 12.80
N THR B 329 -1.49 20.07 11.58
CA THR B 329 -2.67 20.90 11.29
C THR B 329 -4.04 20.23 11.56
N LEU B 330 -4.05 18.91 11.78
CA LEU B 330 -5.30 18.20 12.09
C LEU B 330 -5.60 18.16 13.60
N PHE B 331 -4.68 18.67 14.43
CA PHE B 331 -4.80 18.62 15.91
C PHE B 331 -4.57 19.99 16.54
#